data_1FKI
#
_entry.id   1FKI
#
_cell.length_a   76.310
_cell.length_b   35.030
_cell.length_c   44.380
_cell.angle_alpha   90.00
_cell.angle_beta   90.83
_cell.angle_gamma   90.00
#
_symmetry.space_group_name_H-M   'P 1 21 1'
#
loop_
_entity.id
_entity.type
_entity.pdbx_description
1 polymer 'FK506 BINDING PROTEIN'
2 non-polymer '(21S)-1AZA-4,4-DIMETHYL-6,19-DIOXA-2,3,7,20-TETRAOXOBICYCLO[19.4.0] PENTACOSANE'
3 water water
#
_entity_poly.entity_id   1
_entity_poly.type   'polypeptide(L)'
_entity_poly.pdbx_seq_one_letter_code
;GVQVETISPGDGRTFPKRGQTCVVHYTGMLEDGKKFDSSRDRNKPFKFMLGKQEVIRGWEEGVAQMSVGQRAKLTISPDY
AYGATGHPGIIPPHATLVFDVELLKLE
;
_entity_poly.pdbx_strand_id   A,B
#
# COMPACT_ATOMS: atom_id res chain seq x y z
N GLY A 1 -10.69 -19.17 -12.72
CA GLY A 1 -10.72 -17.94 -13.45
C GLY A 1 -9.89 -16.90 -12.68
N VAL A 2 -10.21 -15.60 -12.85
CA VAL A 2 -9.55 -14.52 -12.17
C VAL A 2 -10.67 -13.78 -11.47
N GLN A 3 -10.48 -13.46 -10.21
CA GLN A 3 -11.43 -12.66 -9.45
C GLN A 3 -10.79 -11.28 -9.34
N VAL A 4 -11.49 -10.17 -9.60
CA VAL A 4 -10.94 -8.82 -9.46
C VAL A 4 -11.57 -8.21 -8.21
N GLU A 5 -10.82 -7.77 -7.21
CA GLU A 5 -11.33 -7.17 -5.99
C GLU A 5 -10.77 -5.75 -5.98
N THR A 6 -11.53 -4.68 -6.10
CA THR A 6 -10.98 -3.33 -6.10
C THR A 6 -10.48 -2.71 -4.81
N ILE A 7 -9.25 -2.20 -4.88
CA ILE A 7 -8.63 -1.49 -3.77
C ILE A 7 -9.03 -0.04 -4.04
N SER A 8 -8.77 0.61 -5.18
CA SER A 8 -9.17 1.99 -5.41
C SER A 8 -9.71 2.07 -6.82
N PRO A 9 -10.80 2.79 -7.10
CA PRO A 9 -11.44 2.80 -8.40
C PRO A 9 -10.70 3.63 -9.41
N GLY A 10 -10.86 3.27 -10.67
CA GLY A 10 -10.41 4.10 -11.76
C GLY A 10 -11.60 4.86 -12.26
N ASP A 11 -11.54 5.41 -13.48
CA ASP A 11 -12.67 6.19 -13.98
C ASP A 11 -13.90 5.36 -14.33
N GLY A 12 -13.74 4.04 -14.48
CA GLY A 12 -14.84 3.14 -14.76
C GLY A 12 -15.36 3.33 -16.16
N ARG A 13 -14.57 3.88 -17.06
CA ARG A 13 -14.98 4.19 -18.43
C ARG A 13 -13.87 4.04 -19.46
N THR A 14 -12.57 4.06 -19.12
CA THR A 14 -11.46 3.89 -20.06
C THR A 14 -10.88 2.51 -19.74
N PHE A 15 -11.25 1.50 -20.51
CA PHE A 15 -10.79 0.14 -20.26
C PHE A 15 -9.79 -0.22 -21.35
N PRO A 16 -8.76 -1.05 -21.16
CA PRO A 16 -7.81 -1.36 -22.22
C PRO A 16 -8.39 -2.11 -23.41
N LYS A 17 -7.85 -1.84 -24.59
CA LYS A 17 -8.28 -2.47 -25.83
C LYS A 17 -7.14 -3.26 -26.40
N ARG A 18 -7.54 -4.25 -27.20
CA ARG A 18 -6.64 -5.16 -27.90
C ARG A 18 -5.57 -4.39 -28.62
N GLY A 19 -4.30 -4.70 -28.41
CA GLY A 19 -3.23 -4.01 -29.10
C GLY A 19 -2.67 -2.81 -28.33
N GLN A 20 -3.33 -2.36 -27.26
CA GLN A 20 -2.80 -1.25 -26.47
C GLN A 20 -1.78 -1.73 -25.48
N THR A 21 -0.84 -0.87 -25.11
CA THR A 21 0.16 -1.21 -24.10
C THR A 21 -0.41 -0.75 -22.77
N CYS A 22 -0.60 -1.69 -21.86
CA CYS A 22 -1.03 -1.36 -20.52
C CYS A 22 0.23 -1.09 -19.70
N VAL A 23 0.30 0.02 -18.96
CA VAL A 23 1.41 0.38 -18.08
C VAL A 23 0.88 0.15 -16.66
N VAL A 24 1.49 -0.75 -15.88
CA VAL A 24 1.01 -1.08 -14.56
C VAL A 24 2.11 -1.11 -13.51
N HIS A 25 1.77 -0.96 -12.23
CA HIS A 25 2.71 -1.32 -11.18
C HIS A 25 2.05 -2.57 -10.57
N TYR A 26 2.80 -3.55 -10.08
CA TYR A 26 2.20 -4.72 -9.48
C TYR A 26 3.06 -5.33 -8.37
N THR A 27 2.44 -6.15 -7.54
CA THR A 27 3.12 -7.00 -6.58
C THR A 27 2.47 -8.38 -6.70
N GLY A 28 3.31 -9.41 -6.89
CA GLY A 28 2.88 -10.78 -7.06
C GLY A 28 3.07 -11.56 -5.78
N MET A 29 2.06 -12.28 -5.34
CA MET A 29 2.12 -12.95 -4.05
C MET A 29 1.49 -14.32 -4.20
N LEU A 30 1.90 -15.23 -3.33
CA LEU A 30 1.18 -16.49 -3.18
C LEU A 30 0.02 -16.21 -2.22
N GLU A 31 -0.95 -17.07 -1.97
CA GLU A 31 -2.10 -16.79 -1.12
C GLU A 31 -1.85 -16.33 0.30
N ASP A 32 -0.69 -16.65 0.87
CA ASP A 32 -0.40 -16.22 2.23
C ASP A 32 0.14 -14.77 2.27
N GLY A 33 0.22 -14.09 1.12
CA GLY A 33 0.73 -12.74 1.10
C GLY A 33 2.22 -12.66 0.86
N LYS A 34 2.93 -13.79 0.82
CA LYS A 34 4.35 -13.79 0.54
C LYS A 34 4.58 -13.35 -0.89
N LYS A 35 5.43 -12.34 -0.98
CA LYS A 35 5.72 -11.64 -2.22
C LYS A 35 6.84 -12.35 -2.94
N PHE A 36 6.60 -12.68 -4.20
CA PHE A 36 7.64 -13.28 -5.00
C PHE A 36 8.21 -12.30 -6.05
N ASP A 37 7.59 -11.14 -6.31
CA ASP A 37 8.13 -10.15 -7.24
C ASP A 37 7.32 -8.89 -7.12
N SER A 38 7.85 -7.73 -7.49
CA SER A 38 7.13 -6.49 -7.44
C SER A 38 7.85 -5.49 -8.34
N SER A 39 7.12 -4.78 -9.20
CA SER A 39 7.73 -3.82 -10.09
C SER A 39 8.13 -2.59 -9.27
N ARG A 40 7.36 -2.36 -8.24
CA ARG A 40 7.56 -1.26 -7.33
C ARG A 40 8.94 -1.35 -6.71
N ASP A 41 9.30 -2.58 -6.35
CA ASP A 41 10.60 -2.82 -5.78
C ASP A 41 11.73 -2.53 -6.71
N ARG A 42 11.56 -2.56 -8.04
CA ARG A 42 12.66 -2.07 -8.87
C ARG A 42 12.35 -0.71 -9.49
N ASN A 43 11.30 -0.07 -8.97
CA ASN A 43 10.75 1.21 -9.39
C ASN A 43 10.69 1.38 -10.91
N LYS A 44 10.12 0.36 -11.54
CA LYS A 44 9.99 0.41 -12.97
C LYS A 44 8.60 -0.10 -13.25
N PRO A 45 7.70 0.66 -13.89
CA PRO A 45 6.41 0.16 -14.33
C PRO A 45 6.60 -0.99 -15.31
N PHE A 46 5.67 -1.95 -15.23
CA PHE A 46 5.67 -3.06 -16.15
C PHE A 46 4.77 -2.65 -17.31
N LYS A 47 5.11 -2.97 -18.55
CA LYS A 47 4.28 -2.68 -19.71
C LYS A 47 4.07 -3.96 -20.49
N PHE A 48 2.89 -4.21 -21.03
CA PHE A 48 2.64 -5.39 -21.85
C PHE A 48 1.56 -5.06 -22.87
N MET A 49 1.47 -5.78 -23.98
CA MET A 49 0.45 -5.50 -24.98
C MET A 49 -0.72 -6.41 -24.75
N LEU A 50 -1.89 -5.85 -24.54
CA LEU A 50 -3.09 -6.59 -24.30
C LEU A 50 -3.36 -7.32 -25.60
N GLY A 51 -3.61 -8.61 -25.49
CA GLY A 51 -3.91 -9.41 -26.66
C GLY A 51 -2.66 -10.10 -27.21
N LYS A 52 -1.45 -9.78 -26.79
CA LYS A 52 -0.28 -10.48 -27.29
C LYS A 52 -0.02 -11.83 -26.62
N GLN A 53 -0.72 -12.23 -25.57
CA GLN A 53 -0.47 -13.48 -24.86
C GLN A 53 0.92 -13.51 -24.25
N GLU A 54 1.57 -12.39 -23.97
CA GLU A 54 2.89 -12.50 -23.38
C GLU A 54 2.80 -12.53 -21.86
N VAL A 55 1.61 -12.43 -21.25
CA VAL A 55 1.44 -12.52 -19.80
C VAL A 55 0.37 -13.57 -19.59
N ILE A 56 0.30 -14.16 -18.39
CA ILE A 56 -0.67 -15.23 -18.16
C ILE A 56 -2.10 -14.79 -18.45
N ARG A 57 -2.97 -15.74 -18.74
CA ARG A 57 -4.33 -15.45 -19.13
C ARG A 57 -5.11 -14.68 -18.08
N GLY A 58 -4.87 -14.90 -16.79
CA GLY A 58 -5.53 -14.17 -15.71
C GLY A 58 -5.20 -12.69 -15.73
N TRP A 59 -4.01 -12.33 -16.21
CA TRP A 59 -3.62 -10.96 -16.39
C TRP A 59 -4.28 -10.43 -17.65
N GLU A 60 -4.37 -11.16 -18.76
CA GLU A 60 -5.04 -10.65 -19.93
C GLU A 60 -6.53 -10.45 -19.68
N GLU A 61 -7.24 -11.37 -19.03
CA GLU A 61 -8.65 -11.19 -18.77
C GLU A 61 -8.93 -10.25 -17.60
N GLY A 62 -8.08 -10.28 -16.58
CA GLY A 62 -8.20 -9.45 -15.41
C GLY A 62 -8.00 -7.99 -15.73
N VAL A 63 -6.88 -7.64 -16.36
CA VAL A 63 -6.59 -6.24 -16.61
C VAL A 63 -7.52 -5.74 -17.70
N ALA A 64 -8.05 -6.56 -18.62
CA ALA A 64 -9.01 -6.04 -19.61
C ALA A 64 -10.26 -5.52 -18.90
N GLN A 65 -10.53 -5.91 -17.67
CA GLN A 65 -11.72 -5.42 -17.04
C GLN A 65 -11.44 -4.37 -15.98
N MET A 66 -10.28 -3.72 -16.10
CA MET A 66 -9.89 -2.65 -15.19
C MET A 66 -9.89 -1.34 -15.97
N SER A 67 -10.20 -0.21 -15.32
CA SER A 67 -10.14 1.05 -16.00
C SER A 67 -8.97 1.83 -15.47
N VAL A 68 -8.49 2.85 -16.19
CA VAL A 68 -7.31 3.61 -15.80
C VAL A 68 -7.41 4.28 -14.43
N GLY A 69 -6.34 4.15 -13.63
CA GLY A 69 -6.31 4.63 -12.28
C GLY A 69 -6.81 3.57 -11.29
N GLN A 70 -7.39 2.43 -11.72
CA GLN A 70 -7.86 1.41 -10.81
C GLN A 70 -6.71 0.64 -10.19
N ARG A 71 -6.80 0.23 -8.93
CA ARG A 71 -5.82 -0.61 -8.30
C ARG A 71 -6.68 -1.74 -7.81
N ALA A 72 -6.35 -2.99 -8.12
CA ALA A 72 -7.21 -4.10 -7.79
C ALA A 72 -6.36 -5.27 -7.37
N LYS A 73 -6.95 -6.22 -6.69
CA LYS A 73 -6.29 -7.42 -6.25
C LYS A 73 -6.86 -8.49 -7.16
N LEU A 74 -6.06 -9.15 -7.98
CA LEU A 74 -6.52 -10.23 -8.84
C LEU A 74 -6.14 -11.55 -8.23
N THR A 75 -7.13 -12.43 -8.05
CA THR A 75 -6.89 -13.76 -7.52
C THR A 75 -7.06 -14.72 -8.70
N ILE A 76 -6.00 -15.39 -9.10
CA ILE A 76 -5.93 -16.17 -10.32
C ILE A 76 -5.75 -17.65 -10.05
N SER A 77 -6.66 -18.48 -10.56
CA SER A 77 -6.53 -19.92 -10.40
C SER A 77 -5.37 -20.42 -11.23
N PRO A 78 -4.68 -21.52 -10.90
CA PRO A 78 -3.58 -22.03 -11.70
C PRO A 78 -3.87 -22.25 -13.16
N ASP A 79 -5.07 -22.63 -13.57
CA ASP A 79 -5.31 -22.85 -14.99
C ASP A 79 -5.32 -21.58 -15.84
N TYR A 80 -5.34 -20.43 -15.15
CA TYR A 80 -5.26 -19.15 -15.82
C TYR A 80 -3.90 -18.55 -15.54
N ALA A 81 -3.00 -19.32 -14.92
CA ALA A 81 -1.70 -18.84 -14.54
C ALA A 81 -0.68 -19.83 -15.09
N TYR A 82 0.09 -20.61 -14.32
CA TYR A 82 1.13 -21.48 -14.87
C TYR A 82 0.83 -22.96 -14.80
N GLY A 83 -0.41 -23.29 -14.40
CA GLY A 83 -0.86 -24.66 -14.34
C GLY A 83 0.05 -25.55 -13.53
N ALA A 84 0.36 -26.71 -14.11
CA ALA A 84 1.17 -27.71 -13.44
C ALA A 84 2.67 -27.46 -13.50
N THR A 85 3.14 -26.67 -14.44
CA THR A 85 4.56 -26.44 -14.56
C THR A 85 5.12 -25.47 -13.55
N GLY A 86 4.27 -24.49 -13.20
CA GLY A 86 4.64 -23.45 -12.26
C GLY A 86 5.70 -22.58 -12.91
N HIS A 87 6.46 -21.91 -12.08
CA HIS A 87 7.51 -21.06 -12.58
C HIS A 87 8.72 -21.50 -11.77
N PRO A 88 9.69 -22.22 -12.34
CA PRO A 88 10.78 -22.91 -11.64
C PRO A 88 11.48 -22.24 -10.46
N GLY A 89 11.27 -22.69 -9.23
CA GLY A 89 11.93 -22.06 -8.12
C GLY A 89 11.22 -20.85 -7.53
N ILE A 90 10.17 -20.31 -8.16
CA ILE A 90 9.39 -19.21 -7.61
C ILE A 90 7.98 -19.75 -7.33
N ILE A 91 7.24 -20.19 -8.36
CA ILE A 91 5.86 -20.58 -8.19
C ILE A 91 5.75 -22.09 -8.34
N PRO A 92 5.14 -22.74 -7.34
CA PRO A 92 4.84 -24.17 -7.38
C PRO A 92 3.75 -24.56 -8.40
N PRO A 93 3.70 -25.80 -8.86
CA PRO A 93 2.59 -26.37 -9.63
C PRO A 93 1.26 -26.18 -8.94
N HIS A 94 0.28 -25.78 -9.74
CA HIS A 94 -1.11 -25.64 -9.33
C HIS A 94 -1.30 -24.63 -8.23
N ALA A 95 -0.51 -23.56 -8.32
CA ALA A 95 -0.64 -22.51 -7.34
C ALA A 95 -1.60 -21.41 -7.75
N THR A 96 -2.41 -21.00 -6.77
CA THR A 96 -3.28 -19.84 -6.93
C THR A 96 -2.38 -18.64 -6.70
N LEU A 97 -2.47 -17.65 -7.56
CA LEU A 97 -1.63 -16.46 -7.47
C LEU A 97 -2.47 -15.24 -7.14
N VAL A 98 -1.95 -14.32 -6.32
CA VAL A 98 -2.66 -13.09 -6.04
C VAL A 98 -1.74 -11.97 -6.52
N PHE A 99 -2.24 -11.00 -7.27
CA PHE A 99 -1.42 -9.90 -7.76
C PHE A 99 -2.15 -8.63 -7.38
N ASP A 100 -1.43 -7.63 -6.91
CA ASP A 100 -1.99 -6.32 -6.64
C ASP A 100 -1.58 -5.59 -7.91
N VAL A 101 -2.52 -5.05 -8.71
CA VAL A 101 -2.20 -4.40 -9.98
C VAL A 101 -2.76 -2.97 -9.99
N GLU A 102 -1.99 -1.98 -10.43
CA GLU A 102 -2.52 -0.66 -10.57
C GLU A 102 -2.37 -0.31 -12.03
N LEU A 103 -3.43 0.02 -12.77
CA LEU A 103 -3.32 0.38 -14.19
C LEU A 103 -3.09 1.88 -14.20
N LEU A 104 -1.85 2.22 -14.47
CA LEU A 104 -1.41 3.58 -14.42
C LEU A 104 -1.79 4.30 -15.69
N LYS A 105 -1.66 3.66 -16.85
CA LYS A 105 -2.02 4.29 -18.10
C LYS A 105 -2.00 3.39 -19.31
N LEU A 106 -2.43 3.93 -20.44
CA LEU A 106 -2.51 3.21 -21.70
C LEU A 106 -1.70 3.90 -22.78
N GLU A 107 -1.06 3.11 -23.61
CA GLU A 107 -0.24 3.56 -24.76
C GLU A 107 -0.43 2.52 -25.90
N GLY B 1 12.26 0.76 8.98
CA GLY B 1 11.84 1.02 10.33
C GLY B 1 10.95 2.26 10.28
N VAL B 2 11.13 3.31 11.07
CA VAL B 2 10.32 4.53 10.94
C VAL B 2 11.40 5.62 10.77
N GLN B 3 11.29 6.53 9.83
CA GLN B 3 12.24 7.60 9.67
C GLN B 3 11.41 8.81 10.08
N VAL B 4 11.94 9.69 10.93
CA VAL B 4 11.22 10.88 11.37
C VAL B 4 11.90 12.08 10.70
N GLU B 5 11.20 13.04 10.10
CA GLU B 5 11.84 14.18 9.48
C GLU B 5 11.07 15.45 9.87
N THR B 6 11.65 16.36 10.64
CA THR B 6 11.01 17.58 11.11
C THR B 6 10.55 18.56 10.03
N ILE B 7 9.28 18.97 10.11
CA ILE B 7 8.68 20.00 9.30
C ILE B 7 8.76 21.24 10.21
N SER B 8 8.21 21.23 11.42
CA SER B 8 8.30 22.37 12.31
C SER B 8 8.86 21.90 13.65
N PRO B 9 9.80 22.60 14.26
CA PRO B 9 10.34 22.27 15.55
C PRO B 9 9.28 22.28 16.65
N GLY B 10 9.42 21.42 17.66
CA GLY B 10 8.57 21.46 18.82
C GLY B 10 9.38 22.12 19.91
N ASP B 11 9.03 21.99 21.19
CA ASP B 11 9.82 22.64 22.22
C ASP B 11 11.15 21.95 22.55
N GLY B 12 11.44 20.76 22.04
CA GLY B 12 12.71 20.08 22.30
C GLY B 12 12.85 19.64 23.73
N ARG B 13 11.80 19.75 24.54
CA ARG B 13 11.87 19.39 25.96
C ARG B 13 10.82 18.39 26.39
N THR B 14 9.56 18.56 26.02
CA THR B 14 8.51 17.65 26.44
C THR B 14 8.29 16.51 25.45
N PHE B 15 8.86 15.33 25.72
CA PHE B 15 8.66 14.17 24.88
C PHE B 15 7.66 13.26 25.57
N PRO B 16 6.80 12.49 24.91
CA PRO B 16 5.84 11.63 25.59
C PRO B 16 6.54 10.50 26.34
N LYS B 17 5.92 10.11 27.45
CA LYS B 17 6.36 9.00 28.25
C LYS B 17 5.30 7.97 27.99
N ARG B 18 5.73 6.73 28.18
CA ARG B 18 4.86 5.58 28.02
C ARG B 18 3.74 5.76 29.02
N GLY B 19 2.48 5.57 28.65
CA GLY B 19 1.40 5.78 29.57
C GLY B 19 0.70 7.12 29.32
N GLN B 20 1.32 8.07 28.61
CA GLN B 20 0.68 9.34 28.30
C GLN B 20 -0.18 9.25 27.07
N THR B 21 -1.28 10.01 27.02
CA THR B 21 -2.13 10.04 25.86
C THR B 21 -1.55 11.09 24.93
N CYS B 22 -1.15 10.77 23.70
CA CYS B 22 -0.73 11.78 22.76
C CYS B 22 -1.95 12.24 21.98
N VAL B 23 -2.09 13.56 21.81
CA VAL B 23 -3.14 14.21 21.04
C VAL B 23 -2.47 14.74 19.78
N VAL B 24 -2.82 14.32 18.56
CA VAL B 24 -2.10 14.70 17.35
C VAL B 24 -3.06 15.10 16.23
N HIS B 25 -2.58 15.77 15.21
CA HIS B 25 -3.33 15.86 13.97
C HIS B 25 -2.44 15.16 12.97
N TYR B 26 -2.99 14.45 11.99
CA TYR B 26 -2.19 13.72 11.02
C TYR B 26 -2.90 13.68 9.68
N THR B 27 -2.07 13.47 8.66
CA THR B 27 -2.50 13.07 7.32
C THR B 27 -1.63 11.87 6.89
N GLY B 28 -2.24 10.79 6.39
CA GLY B 28 -1.51 9.62 5.97
C GLY B 28 -1.67 9.37 4.49
N MET B 29 -0.60 8.97 3.84
CA MET B 29 -0.63 8.73 2.42
C MET B 29 0.28 7.54 2.15
N LEU B 30 -0.02 6.91 1.02
CA LEU B 30 0.80 5.83 0.55
C LEU B 30 2.08 6.45 0.04
N GLU B 31 3.14 5.65 -0.02
CA GLU B 31 4.40 6.09 -0.55
C GLU B 31 4.32 6.85 -1.88
N ASP B 32 3.31 6.60 -2.72
CA ASP B 32 3.17 7.28 -4.01
C ASP B 32 2.41 8.59 -3.94
N GLY B 33 2.04 9.02 -2.73
CA GLY B 33 1.34 10.27 -2.53
C GLY B 33 -0.18 10.19 -2.44
N LYS B 34 -0.77 9.05 -2.75
CA LYS B 34 -2.21 8.87 -2.70
C LYS B 34 -2.62 9.00 -1.24
N LYS B 35 -3.42 9.99 -0.85
CA LYS B 35 -3.69 10.09 0.57
C LYS B 35 -4.86 9.22 0.90
N PHE B 36 -4.82 8.62 2.08
CA PHE B 36 -5.90 7.77 2.49
C PHE B 36 -6.69 8.28 3.69
N ASP B 37 -6.22 9.18 4.56
CA ASP B 37 -7.01 9.66 5.69
C ASP B 37 -6.38 10.88 6.30
N SER B 38 -7.14 11.70 7.01
CA SER B 38 -6.60 12.88 7.68
C SER B 38 -7.52 13.23 8.81
N SER B 39 -7.02 13.47 10.02
CA SER B 39 -7.88 13.90 11.12
C SER B 39 -8.27 15.36 10.95
N ARG B 40 -7.49 16.11 10.17
CA ARG B 40 -7.73 17.50 9.93
C ARG B 40 -9.04 17.65 9.19
N ASP B 41 -9.31 16.75 8.24
CA ASP B 41 -10.56 16.79 7.50
C ASP B 41 -11.80 16.59 8.35
N ARG B 42 -11.66 15.89 9.47
CA ARG B 42 -12.75 15.73 10.40
C ARG B 42 -12.67 16.86 11.44
N ASN B 43 -11.52 17.53 11.52
CA ASN B 43 -11.13 18.51 12.55
C ASN B 43 -11.49 18.05 13.95
N LYS B 44 -10.95 16.83 14.12
CA LYS B 44 -11.08 16.06 15.33
C LYS B 44 -9.66 15.55 15.46
N PRO B 45 -8.82 16.01 16.38
CA PRO B 45 -7.50 15.46 16.68
C PRO B 45 -7.65 14.00 17.11
N PHE B 46 -6.61 13.22 16.91
CA PHE B 46 -6.65 11.82 17.23
C PHE B 46 -5.89 11.65 18.52
N LYS B 47 -6.36 10.79 19.41
CA LYS B 47 -5.70 10.57 20.68
C LYS B 47 -5.31 9.11 20.82
N PHE B 48 -4.15 8.74 21.33
CA PHE B 48 -3.87 7.34 21.62
C PHE B 48 -2.95 7.31 22.82
N MET B 49 -2.92 6.22 23.60
CA MET B 49 -1.99 6.11 24.70
C MET B 49 -0.72 5.44 24.24
N LEU B 50 0.40 6.12 24.42
CA LEU B 50 1.69 5.59 24.05
C LEU B 50 2.00 4.39 24.96
N GLY B 51 2.47 3.30 24.37
CA GLY B 51 2.78 2.10 25.11
C GLY B 51 1.64 1.10 25.04
N LYS B 52 0.39 1.53 24.86
CA LYS B 52 -0.79 0.67 24.83
C LYS B 52 -0.81 -0.26 23.60
N GLN B 53 -0.02 0.08 22.58
CA GLN B 53 0.12 -0.66 21.35
C GLN B 53 -1.13 -0.73 20.51
N GLU B 54 -1.99 0.29 20.60
CA GLU B 54 -3.22 0.29 19.83
C GLU B 54 -3.01 0.90 18.46
N VAL B 55 -1.82 1.43 18.16
CA VAL B 55 -1.55 2.00 16.83
C VAL B 55 -0.33 1.23 16.34
N ILE B 56 -0.01 1.34 15.05
CA ILE B 56 1.13 0.63 14.46
C ILE B 56 2.47 0.99 15.10
N ARG B 57 3.40 0.03 15.12
CA ARG B 57 4.72 0.24 15.68
C ARG B 57 5.47 1.46 15.20
N GLY B 58 5.30 1.82 13.93
CA GLY B 58 5.93 3.00 13.37
C GLY B 58 5.43 4.25 14.06
N TRP B 59 4.18 4.26 14.51
CA TRP B 59 3.64 5.39 15.23
C TRP B 59 4.11 5.39 16.66
N GLU B 60 4.17 4.22 17.32
CA GLU B 60 4.61 4.19 18.70
C GLU B 60 6.04 4.67 18.83
N GLU B 61 6.89 4.22 17.92
CA GLU B 61 8.28 4.62 17.98
C GLU B 61 8.62 5.95 17.37
N GLY B 62 7.87 6.38 16.37
CA GLY B 62 8.10 7.65 15.72
C GLY B 62 7.60 8.77 16.59
N VAL B 63 6.37 8.66 17.10
CA VAL B 63 5.82 9.76 17.89
C VAL B 63 6.56 9.91 19.22
N ALA B 64 7.19 8.86 19.75
CA ALA B 64 7.93 8.98 20.99
C ALA B 64 9.19 9.82 20.81
N GLN B 65 9.63 10.04 19.59
CA GLN B 65 10.80 10.86 19.29
C GLN B 65 10.40 12.31 19.07
N MET B 66 9.14 12.66 19.31
CA MET B 66 8.68 14.00 19.01
C MET B 66 8.42 14.82 20.26
N SER B 67 8.67 16.13 20.25
CA SER B 67 8.32 16.96 21.39
C SER B 67 7.05 17.71 21.11
N VAL B 68 6.37 18.18 22.14
CA VAL B 68 5.16 18.98 21.97
C VAL B 68 5.43 20.19 21.09
N GLY B 69 4.51 20.27 20.13
CA GLY B 69 4.49 21.31 19.12
C GLY B 69 5.17 20.92 17.82
N GLN B 70 5.82 19.75 17.73
CA GLN B 70 6.54 19.40 16.51
C GLN B 70 5.61 18.88 15.46
N ARG B 71 5.93 19.17 14.21
CA ARG B 71 5.24 18.62 13.07
C ARG B 71 6.34 17.86 12.37
N ALA B 72 6.15 16.58 12.01
CA ALA B 72 7.19 15.78 11.42
C ALA B 72 6.56 14.81 10.45
N LYS B 73 7.38 14.36 9.52
CA LYS B 73 6.96 13.41 8.49
C LYS B 73 7.56 12.08 8.92
N LEU B 74 6.78 11.02 9.04
CA LEU B 74 7.29 9.75 9.49
C LEU B 74 7.08 8.85 8.29
N THR B 75 8.08 8.17 7.75
CA THR B 75 7.86 7.22 6.68
C THR B 75 8.23 5.88 7.34
N ILE B 76 7.23 5.01 7.22
CA ILE B 76 7.13 3.74 7.91
C ILE B 76 7.15 2.60 6.91
N SER B 77 8.16 1.75 7.00
CA SER B 77 8.30 0.60 6.11
C SER B 77 7.21 -0.41 6.43
N PRO B 78 6.82 -1.35 5.55
CA PRO B 78 5.73 -2.29 5.79
C PRO B 78 5.79 -3.05 7.10
N ASP B 79 6.97 -3.57 7.50
CA ASP B 79 7.07 -4.28 8.77
C ASP B 79 6.75 -3.41 9.98
N TYR B 80 6.78 -2.08 9.94
CA TYR B 80 6.39 -1.31 11.12
C TYR B 80 4.97 -0.77 10.92
N ALA B 81 4.32 -1.19 9.83
CA ALA B 81 2.99 -0.73 9.51
C ALA B 81 2.06 -1.92 9.39
N TYR B 82 1.49 -2.32 8.24
CA TYR B 82 0.45 -3.35 8.20
C TYR B 82 0.87 -4.64 7.54
N GLY B 83 2.13 -4.70 7.11
CA GLY B 83 2.69 -5.92 6.61
C GLY B 83 2.07 -6.45 5.33
N ALA B 84 1.88 -7.75 5.26
CA ALA B 84 1.35 -8.40 4.09
C ALA B 84 -0.15 -8.29 4.04
N THR B 85 -0.80 -8.08 5.17
CA THR B 85 -2.24 -7.97 5.27
C THR B 85 -2.81 -6.68 4.71
N GLY B 86 -2.16 -5.55 5.03
CA GLY B 86 -2.69 -4.25 4.69
C GLY B 86 -3.77 -3.97 5.71
N HIS B 87 -4.66 -3.05 5.39
CA HIS B 87 -5.78 -2.77 6.25
C HIS B 87 -6.90 -2.82 5.24
N PRO B 88 -7.80 -3.78 5.35
CA PRO B 88 -8.79 -4.10 4.33
C PRO B 88 -9.56 -2.89 3.85
N GLY B 89 -9.51 -2.68 2.55
CA GLY B 89 -10.25 -1.60 1.92
C GLY B 89 -9.52 -0.26 1.94
N ILE B 90 -8.45 -0.07 2.72
CA ILE B 90 -7.75 1.21 2.74
C ILE B 90 -6.26 1.05 2.39
N ILE B 91 -5.54 0.10 2.98
CA ILE B 91 -4.11 -0.01 2.77
C ILE B 91 -3.86 -1.32 2.01
N PRO B 92 -3.25 -1.28 0.83
CA PRO B 92 -2.78 -2.45 0.10
C PRO B 92 -1.71 -3.27 0.81
N PRO B 93 -1.42 -4.53 0.42
CA PRO B 93 -0.35 -5.33 1.00
C PRO B 93 1.01 -4.70 0.77
N HIS B 94 1.92 -4.90 1.73
CA HIS B 94 3.32 -4.49 1.67
C HIS B 94 3.51 -3.01 1.43
N ALA B 95 2.67 -2.15 2.01
CA ALA B 95 2.77 -0.72 1.72
C ALA B 95 3.64 0.09 2.67
N THR B 96 4.56 0.93 2.16
CA THR B 96 5.30 1.90 2.97
C THR B 96 4.35 3.07 3.16
N LEU B 97 4.15 3.55 4.38
CA LEU B 97 3.17 4.60 4.60
C LEU B 97 3.94 5.84 5.02
N VAL B 98 3.43 7.01 4.65
CA VAL B 98 4.05 8.28 5.00
C VAL B 98 2.98 9.05 5.75
N PHE B 99 3.30 9.56 6.91
CA PHE B 99 2.37 10.27 7.77
C PHE B 99 2.93 11.64 8.13
N ASP B 100 2.16 12.72 8.01
CA ASP B 100 2.54 14.06 8.46
C ASP B 100 1.83 14.16 9.81
N VAL B 101 2.55 14.21 10.93
CA VAL B 101 1.97 14.15 12.26
C VAL B 101 2.34 15.44 12.97
N GLU B 102 1.43 16.03 13.73
CA GLU B 102 1.75 17.17 14.56
C GLU B 102 1.33 16.80 15.99
N LEU B 103 2.26 16.89 16.95
CA LEU B 103 1.94 16.53 18.32
C LEU B 103 1.50 17.80 19.03
N LEU B 104 0.18 17.81 19.24
CA LEU B 104 -0.52 18.94 19.81
C LEU B 104 -0.29 19.05 21.32
N LYS B 105 -0.52 17.95 22.05
CA LYS B 105 -0.38 17.96 23.48
C LYS B 105 -0.35 16.53 23.96
N LEU B 106 0.04 16.45 25.21
CA LEU B 106 0.09 15.23 26.01
C LEU B 106 -0.98 15.34 27.11
N GLU B 107 -1.62 14.22 27.41
CA GLU B 107 -2.60 14.06 28.48
C GLU B 107 -2.28 12.72 29.17
#